data_1TI7
#
_entry.id   1TI7
#
_cell.length_a   76.390
_cell.length_b   76.390
_cell.length_c   104.160
_cell.angle_alpha   90.00
_cell.angle_beta   90.00
_cell.angle_gamma   120.00
#
_symmetry.space_group_name_H-M   'P 32 2 1'
#
loop_
_entity.id
_entity.type
_entity.pdbx_description
1 polymer 'nitrogen metabolite repression regulator NmrA'
2 non-polymer 'POTASSIUM ION'
3 non-polymer 'CHLORIDE ION'
4 non-polymer 'NADP NICOTINAMIDE-ADENINE-DINUCLEOTIDE PHOSPHATE'
5 non-polymer GLYCEROL
6 water water
#
_entity_poly.entity_id   1
_entity_poly.type   'polypeptide(L)'
_entity_poly.pdbx_seq_one_letter_code
;MAQQKKTIAVVNATGRQAASLIRVAAAVGHHVRAQVHSLKGLIAEELQAIPNVTLFQGPLLNNVPLMDTLFEGAHLAFIN
TTSQAGDEIAIGKDLADAAKRAGTIQHYIYSSMPDHSLYGPWPAVPMWAPKFTVENYVRQLGLPSTFVYAGIYNNNFTSL
PYPLFQMELMPDGTFEWHAPFDPDIPLPWLDAEHDVGPALLQIFKDGPQKWNGHRIALTFETLSPVQVCAAFSRALNRRV
TYVQVPKVEIKVNIPVGYREQLEAIEVVFGEHKAPYFPLPEFSRPAAGSPKGLGPANGKGAGAGMMQGPGGVISQRVTDE
ARKLWSGWRDMEEYAREVFPIEEEANGLDWML
;
_entity_poly.pdbx_strand_id   A
#
# COMPACT_ATOMS: atom_id res chain seq x y z
N GLN A 3 26.43 -10.94 9.63
CA GLN A 3 25.66 -9.72 9.24
C GLN A 3 24.60 -9.35 10.28
N GLN A 4 24.94 -8.40 11.15
CA GLN A 4 23.99 -7.97 12.19
C GLN A 4 22.88 -7.15 11.51
N LYS A 5 21.62 -7.45 11.84
CA LYS A 5 20.48 -6.76 11.22
C LYS A 5 20.48 -5.26 11.51
N LYS A 6 20.34 -4.49 10.44
CA LYS A 6 20.36 -3.03 10.55
C LYS A 6 19.08 -2.39 11.03
N THR A 7 19.23 -1.25 11.70
CA THR A 7 18.09 -0.54 12.25
C THR A 7 17.32 0.17 11.14
N ILE A 8 16.02 -0.06 11.11
CA ILE A 8 15.16 0.54 10.07
C ILE A 8 14.32 1.66 10.66
N ALA A 9 14.27 2.80 9.95
CA ALA A 9 13.45 3.92 10.38
C ALA A 9 12.18 3.87 9.52
N VAL A 10 11.03 4.09 10.12
CA VAL A 10 9.76 4.00 9.39
C VAL A 10 8.81 5.07 9.95
N VAL A 11 7.89 5.58 9.11
CA VAL A 11 6.89 6.54 9.60
C VAL A 11 5.51 5.91 9.43
N ASN A 12 4.48 6.55 9.98
CA ASN A 12 3.10 6.06 9.84
C ASN A 12 3.10 4.57 10.18
N ALA A 13 3.74 4.25 11.29
CA ALA A 13 3.92 2.87 11.73
C ALA A 13 2.64 2.03 11.92
N THR A 14 1.51 2.66 12.21
CA THR A 14 0.28 1.88 12.41
C THR A 14 -0.45 1.63 11.10
N GLY A 15 0.09 2.13 10.00
CA GLY A 15 -0.52 1.91 8.70
C GLY A 15 -0.18 0.50 8.24
N ARG A 16 -1.03 -0.07 7.38
CA ARG A 16 -0.83 -1.44 6.92
C ARG A 16 0.53 -1.75 6.30
N GLN A 17 1.07 -0.85 5.48
CA GLN A 17 2.35 -1.11 4.86
C GLN A 17 3.48 -1.16 5.90
N ALA A 18 3.60 -0.11 6.69
CA ALA A 18 4.68 -0.06 7.68
C ALA A 18 4.53 -1.14 8.74
N ALA A 19 3.31 -1.35 9.21
CA ALA A 19 3.09 -2.37 10.23
C ALA A 19 3.52 -3.76 9.72
N SER A 20 3.25 -4.03 8.45
CA SER A 20 3.62 -5.32 7.88
C SER A 20 5.13 -5.50 7.94
N LEU A 21 5.85 -4.45 7.57
CA LEU A 21 7.31 -4.51 7.60
C LEU A 21 7.84 -4.64 9.01
N ILE A 22 7.29 -3.83 9.92
CA ILE A 22 7.77 -3.84 11.29
C ILE A 22 7.64 -5.21 11.95
N ARG A 23 6.51 -5.87 11.77
CA ARG A 23 6.34 -7.17 12.40
C ARG A 23 7.37 -8.19 11.94
N VAL A 24 7.56 -8.34 10.64
CA VAL A 24 8.53 -9.34 10.19
C VAL A 24 9.98 -8.89 10.37
N ALA A 25 10.24 -7.59 10.25
CA ALA A 25 11.62 -7.08 10.43
C ALA A 25 12.06 -7.36 11.88
N ALA A 26 11.19 -7.05 12.84
CA ALA A 26 11.52 -7.30 14.24
C ALA A 26 11.69 -8.79 14.50
N ALA A 27 10.87 -9.61 13.86
CA ALA A 27 10.96 -11.06 14.05
C ALA A 27 12.30 -11.64 13.59
N VAL A 28 12.92 -11.04 12.57
CA VAL A 28 14.20 -11.53 12.10
C VAL A 28 15.42 -10.79 12.64
N GLY A 29 15.20 -9.94 13.65
CA GLY A 29 16.32 -9.27 14.29
C GLY A 29 16.56 -7.79 14.10
N HIS A 30 15.83 -7.16 13.21
CA HIS A 30 16.02 -5.73 12.97
C HIS A 30 15.47 -4.92 14.14
N HIS A 31 16.16 -3.85 14.52
CA HIS A 31 15.60 -2.96 15.53
C HIS A 31 14.87 -1.98 14.63
N VAL A 32 13.79 -1.41 15.13
CA VAL A 32 13.00 -0.48 14.33
C VAL A 32 12.74 0.80 15.11
N ARG A 33 12.88 1.94 14.44
CA ARG A 33 12.60 3.24 15.03
C ARG A 33 11.38 3.65 14.22
N ALA A 34 10.23 3.73 14.87
CA ALA A 34 8.99 4.02 14.19
C ALA A 34 8.22 5.20 14.70
N GLN A 35 7.82 6.07 13.79
CA GLN A 35 7.02 7.23 14.16
C GLN A 35 5.54 6.86 14.06
N VAL A 36 4.74 7.37 15.00
CA VAL A 36 3.30 7.17 15.02
C VAL A 36 2.71 8.53 15.35
N HIS A 37 1.54 8.83 14.80
CA HIS A 37 0.95 10.13 15.10
C HIS A 37 0.50 10.16 16.57
N SER A 38 0.17 9.00 17.13
CA SER A 38 -0.23 8.88 18.53
C SER A 38 -0.02 7.45 19.03
N LEU A 39 0.27 7.29 20.32
CA LEU A 39 0.54 5.98 20.89
C LEU A 39 -0.67 5.11 21.21
N LYS A 40 -1.87 5.64 21.08
CA LYS A 40 -3.06 4.85 21.37
C LYS A 40 -3.50 4.00 20.19
N GLY A 41 -4.42 3.06 20.43
CA GLY A 41 -4.90 2.21 19.36
C GLY A 41 -4.30 0.83 19.42
N LEU A 42 -5.05 -0.14 18.91
CA LEU A 42 -4.61 -1.53 18.93
C LEU A 42 -3.25 -1.75 18.29
N ILE A 43 -3.06 -1.22 17.08
CA ILE A 43 -1.79 -1.40 16.39
C ILE A 43 -0.62 -0.72 17.09
N ALA A 44 -0.80 0.54 17.49
CA ALA A 44 0.30 1.21 18.19
C ALA A 44 0.66 0.43 19.46
N GLU A 45 -0.35 -0.04 20.18
CA GLU A 45 -0.10 -0.79 21.42
C GLU A 45 0.62 -2.10 21.10
N GLU A 46 0.20 -2.75 20.02
CA GLU A 46 0.80 -4.00 19.60
C GLU A 46 2.28 -3.80 19.25
N LEU A 47 2.58 -2.75 18.49
CA LEU A 47 3.96 -2.50 18.09
C LEU A 47 4.84 -2.10 19.26
N GLN A 48 4.28 -1.36 20.21
CA GLN A 48 5.02 -0.92 21.39
C GLN A 48 5.49 -2.11 22.21
N ALA A 49 4.71 -3.19 22.17
CA ALA A 49 5.03 -4.39 22.93
C ALA A 49 6.12 -5.24 22.25
N ILE A 50 6.53 -4.89 21.04
CA ILE A 50 7.59 -5.65 20.35
C ILE A 50 8.92 -5.10 20.86
N PRO A 51 9.71 -5.93 21.56
CA PRO A 51 11.00 -5.50 22.09
C PRO A 51 11.92 -4.73 21.13
N ASN A 52 12.07 -5.21 19.90
CA ASN A 52 12.96 -4.58 18.93
C ASN A 52 12.48 -3.25 18.38
N VAL A 53 11.26 -2.87 18.74
CA VAL A 53 10.65 -1.64 18.25
C VAL A 53 10.67 -0.50 19.26
N THR A 54 10.96 0.71 18.78
CA THR A 54 10.90 1.89 19.63
C THR A 54 9.99 2.87 18.90
N LEU A 55 8.90 3.29 19.54
CA LEU A 55 7.98 4.23 18.92
C LEU A 55 8.30 5.67 19.31
N PHE A 56 8.10 6.59 18.36
CA PHE A 56 8.33 8.01 18.59
C PHE A 56 7.03 8.70 18.18
N GLN A 57 6.24 9.13 19.17
CA GLN A 57 4.96 9.75 18.88
C GLN A 57 5.07 11.23 18.54
N GLY A 58 4.27 11.68 17.58
CA GLY A 58 4.32 13.08 17.22
C GLY A 58 3.91 13.31 15.80
N PRO A 59 3.54 14.55 15.44
CA PRO A 59 3.15 14.82 14.06
C PRO A 59 4.40 14.99 13.20
N LEU A 60 4.27 14.69 11.91
CA LEU A 60 5.38 14.85 10.97
C LEU A 60 5.35 16.25 10.40
N LEU A 61 4.15 16.79 10.23
CA LEU A 61 3.98 18.13 9.67
C LEU A 61 4.78 19.17 10.45
N ASN A 62 5.70 19.84 9.76
CA ASN A 62 6.53 20.87 10.39
C ASN A 62 7.15 20.40 11.69
N ASN A 63 7.74 19.22 11.67
CA ASN A 63 8.38 18.67 12.86
C ASN A 63 9.67 17.97 12.45
N VAL A 64 10.59 18.73 11.86
CA VAL A 64 11.86 18.18 11.44
C VAL A 64 12.62 17.55 12.63
N PRO A 65 12.52 18.14 13.83
CA PRO A 65 13.23 17.54 14.95
C PRO A 65 12.87 16.07 15.20
N LEU A 66 11.61 15.72 14.99
CA LEU A 66 11.17 14.34 15.21
C LEU A 66 11.79 13.45 14.13
N MET A 67 11.94 14.01 12.93
CA MET A 67 12.53 13.27 11.82
C MET A 67 14.01 13.03 12.09
N ASP A 68 14.70 14.03 12.63
CA ASP A 68 16.12 13.87 12.93
C ASP A 68 16.27 12.77 13.99
N THR A 69 15.36 12.77 14.97
CA THR A 69 15.42 11.75 16.02
C THR A 69 15.17 10.37 15.42
N LEU A 70 14.17 10.28 14.56
CA LEU A 70 13.82 9.01 13.95
C LEU A 70 14.99 8.34 13.25
N PHE A 71 15.70 9.09 12.41
CA PHE A 71 16.81 8.55 11.64
C PHE A 71 18.12 8.37 12.38
N GLU A 72 18.19 8.90 13.60
CA GLU A 72 19.40 8.81 14.42
C GLU A 72 19.78 7.34 14.68
N GLY A 73 20.89 6.91 14.11
CA GLY A 73 21.33 5.53 14.30
C GLY A 73 20.69 4.51 13.37
N ALA A 74 19.82 4.96 12.46
CA ALA A 74 19.18 4.04 11.52
C ALA A 74 20.07 3.88 10.29
N HIS A 75 20.02 2.71 9.65
CA HIS A 75 20.82 2.47 8.45
C HIS A 75 19.96 2.19 7.23
N LEU A 76 18.68 1.93 7.47
CA LEU A 76 17.72 1.63 6.42
C LEU A 76 16.44 2.42 6.70
N ALA A 77 15.65 2.67 5.65
CA ALA A 77 14.41 3.38 5.86
C ALA A 77 13.34 2.94 4.89
N PHE A 78 12.11 2.88 5.39
CA PHE A 78 10.97 2.58 4.56
C PHE A 78 9.99 3.69 4.91
N ILE A 79 9.71 4.55 3.94
CA ILE A 79 8.85 5.69 4.15
C ILE A 79 7.59 5.67 3.30
N ASN A 80 6.44 5.67 3.98
CA ASN A 80 5.14 5.68 3.33
C ASN A 80 4.33 6.74 4.03
N THR A 81 4.09 7.87 3.36
CA THR A 81 3.30 8.94 3.94
C THR A 81 1.82 8.75 3.64
N THR A 82 0.98 9.60 4.23
CA THR A 82 -0.47 9.56 4.01
C THR A 82 -0.95 10.99 3.97
N SER A 83 -2.10 11.22 3.34
CA SER A 83 -2.65 12.57 3.24
C SER A 83 -3.22 13.03 4.57
N GLN A 84 -3.49 12.08 5.46
CA GLN A 84 -4.04 12.39 6.78
C GLN A 84 -3.08 13.23 7.62
N ALA A 85 -1.78 13.03 7.41
CA ALA A 85 -0.76 13.77 8.14
C ALA A 85 -0.62 15.21 7.62
N GLY A 86 -1.21 15.46 6.46
CA GLY A 86 -1.14 16.80 5.88
C GLY A 86 -0.29 16.87 4.63
N ASP A 87 0.22 18.07 4.34
CA ASP A 87 1.06 18.32 3.17
C ASP A 87 2.06 17.19 2.91
N GLU A 88 1.61 16.20 2.15
CA GLU A 88 2.40 15.04 1.82
C GLU A 88 3.71 15.35 1.09
N ILE A 89 3.69 16.33 0.19
CA ILE A 89 4.90 16.67 -0.54
C ILE A 89 5.92 17.29 0.41
N ALA A 90 5.49 18.28 1.19
CA ALA A 90 6.39 18.92 2.15
C ALA A 90 6.97 17.90 3.13
N ILE A 91 6.12 17.01 3.63
CA ILE A 91 6.56 15.99 4.59
C ILE A 91 7.51 14.99 3.95
N GLY A 92 7.17 14.52 2.75
CA GLY A 92 8.01 13.57 2.04
C GLY A 92 9.40 14.14 1.79
N LYS A 93 9.47 15.41 1.40
CA LYS A 93 10.76 16.05 1.14
C LYS A 93 11.54 16.25 2.44
N ASP A 94 10.85 16.68 3.50
CA ASP A 94 11.49 16.89 4.79
C ASP A 94 12.09 15.59 5.32
N LEU A 95 11.38 14.49 5.14
CA LEU A 95 11.86 13.18 5.60
C LEU A 95 13.10 12.78 4.81
N ALA A 96 13.03 12.92 3.49
CA ALA A 96 14.17 12.57 2.64
C ALA A 96 15.40 13.39 3.04
N ASP A 97 15.21 14.68 3.28
CA ASP A 97 16.31 15.54 3.69
C ASP A 97 16.88 15.11 5.03
N ALA A 98 16.00 14.73 5.95
CA ALA A 98 16.45 14.32 7.28
C ALA A 98 17.24 13.03 7.18
N ALA A 99 16.83 12.13 6.28
CA ALA A 99 17.54 10.86 6.11
C ALA A 99 18.93 11.13 5.55
N LYS A 100 19.04 12.04 4.60
CA LYS A 100 20.35 12.34 4.02
C LYS A 100 21.24 12.97 5.09
N ARG A 101 20.67 13.90 5.84
CA ARG A 101 21.41 14.61 6.88
C ARG A 101 21.95 13.68 7.96
N ALA A 102 21.23 12.59 8.25
CA ALA A 102 21.67 11.64 9.26
C ALA A 102 22.99 10.98 8.83
N GLY A 103 23.16 10.86 7.52
CA GLY A 103 24.38 10.29 6.97
C GLY A 103 24.57 8.80 7.08
N THR A 104 23.70 8.12 7.82
CA THR A 104 23.81 6.68 8.01
C THR A 104 22.81 5.84 7.20
N ILE A 105 21.91 6.48 6.47
CA ILE A 105 20.92 5.73 5.69
C ILE A 105 21.53 5.20 4.38
N GLN A 106 21.69 3.88 4.32
CA GLN A 106 22.26 3.18 3.18
C GLN A 106 21.28 2.82 2.06
N HIS A 107 20.00 2.74 2.39
CA HIS A 107 19.00 2.33 1.42
C HIS A 107 17.67 2.92 1.89
N TYR A 108 17.12 3.82 1.08
CA TYR A 108 15.87 4.52 1.43
C TYR A 108 14.76 4.08 0.48
N ILE A 109 13.79 3.34 0.99
CA ILE A 109 12.67 2.88 0.17
C ILE A 109 11.49 3.81 0.42
N TYR A 110 10.97 4.41 -0.65
CA TYR A 110 9.82 5.30 -0.54
C TYR A 110 8.64 4.65 -1.27
N SER A 111 7.46 4.67 -0.65
CA SER A 111 6.28 4.07 -1.25
C SER A 111 5.62 5.16 -2.12
N SER A 112 5.73 4.99 -3.42
CA SER A 112 5.24 5.96 -4.40
C SER A 112 3.98 5.48 -5.13
N MET A 113 3.41 6.38 -5.92
CA MET A 113 2.24 6.05 -6.71
C MET A 113 2.32 6.87 -7.98
N PRO A 114 1.55 6.51 -9.01
CA PRO A 114 1.57 7.23 -10.29
C PRO A 114 0.89 8.57 -10.36
N ASP A 115 1.31 9.39 -11.35
CA ASP A 115 0.66 10.66 -11.62
C ASP A 115 0.11 10.35 -13.02
N HIS A 116 -1.15 9.94 -13.07
CA HIS A 116 -1.77 9.55 -14.33
C HIS A 116 -1.77 10.64 -15.41
N SER A 117 -1.71 11.90 -15.00
CA SER A 117 -1.75 12.99 -15.97
C SER A 117 -0.51 13.07 -16.87
N LEU A 118 0.50 12.27 -16.57
CA LEU A 118 1.72 12.27 -17.36
C LEU A 118 1.72 11.24 -18.47
N TYR A 119 0.74 10.35 -18.47
CA TYR A 119 0.73 9.27 -19.46
C TYR A 119 -0.45 9.21 -20.40
N GLY A 120 -1.40 10.11 -20.24
CA GLY A 120 -2.56 10.10 -21.11
C GLY A 120 -3.46 11.28 -20.83
N PRO A 121 -4.61 11.38 -21.53
CA PRO A 121 -5.56 12.48 -21.33
C PRO A 121 -6.36 12.23 -20.07
N TRP A 122 -5.64 12.01 -18.97
CA TRP A 122 -6.27 11.69 -17.69
C TRP A 122 -5.87 12.65 -16.58
N PRO A 123 -6.74 12.80 -15.57
CA PRO A 123 -6.41 13.70 -14.46
C PRO A 123 -5.51 12.95 -13.48
N ALA A 124 -4.77 13.69 -12.68
CA ALA A 124 -3.92 13.07 -11.68
C ALA A 124 -4.87 12.59 -10.58
N VAL A 125 -4.61 11.40 -10.02
CA VAL A 125 -5.42 10.90 -8.90
C VAL A 125 -4.74 11.60 -7.72
N PRO A 126 -5.46 12.53 -7.06
CA PRO A 126 -4.99 13.34 -5.93
C PRO A 126 -4.26 12.77 -4.73
N MET A 127 -4.53 11.53 -4.35
CA MET A 127 -3.78 10.96 -3.22
C MET A 127 -2.60 10.15 -3.73
N TRP A 128 -2.44 10.08 -5.04
CA TRP A 128 -1.34 9.32 -5.63
C TRP A 128 -0.27 10.21 -6.23
N ALA A 129 -0.68 11.10 -7.13
CA ALA A 129 0.26 11.99 -7.80
C ALA A 129 1.27 12.70 -6.91
N PRO A 130 0.84 13.20 -5.74
CA PRO A 130 1.80 13.90 -4.89
C PRO A 130 3.01 13.04 -4.51
N LYS A 131 2.79 11.73 -4.36
CA LYS A 131 3.88 10.83 -4.00
C LYS A 131 4.91 10.77 -5.11
N PHE A 132 4.46 10.87 -6.36
CA PHE A 132 5.40 10.81 -7.46
C PHE A 132 6.31 12.02 -7.43
N THR A 133 5.78 13.16 -7.00
CA THR A 133 6.61 14.37 -6.88
C THR A 133 7.70 14.11 -5.84
N VAL A 134 7.34 13.48 -4.73
CA VAL A 134 8.32 13.18 -3.68
C VAL A 134 9.37 12.21 -4.23
N GLU A 135 8.92 11.23 -5.00
CA GLU A 135 9.84 10.26 -5.58
C GLU A 135 10.90 10.98 -6.43
N ASN A 136 10.46 11.93 -7.25
CA ASN A 136 11.41 12.67 -8.10
C ASN A 136 12.42 13.42 -7.25
N TYR A 137 11.97 13.96 -6.13
CA TYR A 137 12.84 14.69 -5.24
C TYR A 137 13.84 13.74 -4.59
N VAL A 138 13.36 12.60 -4.11
CA VAL A 138 14.22 11.62 -3.46
C VAL A 138 15.32 11.13 -4.41
N ARG A 139 14.97 10.94 -5.68
CA ARG A 139 15.92 10.48 -6.69
C ARG A 139 17.16 11.36 -6.83
N GLN A 140 16.99 12.66 -6.62
CA GLN A 140 18.11 13.56 -6.76
C GLN A 140 18.89 13.77 -5.48
N LEU A 141 18.54 13.03 -4.43
CA LEU A 141 19.27 13.10 -3.17
C LEU A 141 20.44 12.11 -3.21
N GLY A 142 21.52 12.47 -2.55
CA GLY A 142 22.72 11.64 -2.56
C GLY A 142 22.74 10.41 -1.66
N LEU A 143 21.75 9.54 -1.82
CA LEU A 143 21.68 8.29 -1.07
C LEU A 143 20.89 7.34 -1.94
N PRO A 144 21.18 6.05 -1.87
CA PRO A 144 20.48 5.03 -2.67
C PRO A 144 19.01 4.98 -2.29
N SER A 145 18.13 4.96 -3.27
CA SER A 145 16.70 4.91 -2.99
C SER A 145 16.00 3.96 -3.96
N THR A 146 14.89 3.40 -3.51
CA THR A 146 14.11 2.45 -4.31
C THR A 146 12.68 2.84 -4.09
N PHE A 147 11.85 2.66 -5.12
CA PHE A 147 10.44 3.07 -5.04
C PHE A 147 9.49 1.92 -5.28
N VAL A 148 8.61 1.68 -4.31
CA VAL A 148 7.65 0.60 -4.43
C VAL A 148 6.26 1.20 -4.66
N TYR A 149 5.51 0.58 -5.56
CA TYR A 149 4.17 1.01 -5.92
C TYR A 149 3.19 -0.06 -5.46
N ALA A 150 2.39 0.26 -4.45
CA ALA A 150 1.44 -0.72 -3.92
C ALA A 150 0.20 -0.94 -4.78
N GLY A 151 -0.11 -2.21 -5.00
CA GLY A 151 -1.31 -2.56 -5.75
C GLY A 151 -2.50 -2.34 -4.84
N ILE A 152 -3.70 -2.64 -5.33
CA ILE A 152 -4.90 -2.45 -4.51
C ILE A 152 -4.95 -3.50 -3.39
N TYR A 153 -5.22 -3.06 -2.16
CA TYR A 153 -5.25 -3.97 -1.02
C TYR A 153 -6.42 -4.94 -1.03
N ASN A 154 -6.11 -6.21 -0.83
CA ASN A 154 -7.14 -7.22 -0.75
C ASN A 154 -8.07 -6.83 0.38
N ASN A 155 -7.48 -6.37 1.48
CA ASN A 155 -8.31 -6.04 2.63
C ASN A 155 -8.99 -4.68 2.67
N ASN A 156 -9.08 -4.04 1.50
CA ASN A 156 -9.86 -2.81 1.41
C ASN A 156 -11.32 -3.31 1.49
N PHE A 157 -11.54 -4.55 1.09
CA PHE A 157 -12.90 -5.09 1.07
C PHE A 157 -13.54 -5.23 2.43
N THR A 158 -14.81 -4.81 2.50
CA THR A 158 -15.59 -4.88 3.73
C THR A 158 -17.07 -4.85 3.35
N SER A 159 -17.94 -5.39 4.20
CA SER A 159 -19.36 -5.30 3.87
C SER A 159 -19.95 -4.03 4.52
N LEU A 160 -19.11 -3.29 5.26
CA LEU A 160 -19.57 -2.02 5.84
C LEU A 160 -19.80 -1.11 4.60
N PRO A 161 -20.68 -0.11 4.72
CA PRO A 161 -20.98 0.77 3.59
C PRO A 161 -19.93 1.82 3.22
N TYR A 162 -18.68 1.39 3.10
CA TYR A 162 -17.58 2.26 2.75
C TYR A 162 -17.43 2.26 1.24
N PRO A 163 -17.01 3.40 0.66
CA PRO A 163 -16.83 3.55 -0.79
C PRO A 163 -15.85 2.66 -1.52
N LEU A 164 -16.20 2.41 -2.77
CA LEU A 164 -15.39 1.69 -3.73
C LEU A 164 -15.15 0.20 -3.57
N PHE A 165 -14.86 -0.25 -2.34
CA PHE A 165 -14.59 -1.64 -2.12
C PHE A 165 -15.55 -2.31 -1.16
N GLN A 166 -16.85 -2.10 -1.38
CA GLN A 166 -17.81 -2.73 -0.50
C GLN A 166 -18.34 -4.03 -1.09
N MET A 167 -18.17 -5.12 -0.34
CA MET A 167 -18.73 -6.41 -0.74
C MET A 167 -20.06 -6.34 -0.03
N GLU A 168 -21.05 -5.80 -0.73
CA GLU A 168 -22.36 -5.61 -0.12
C GLU A 168 -23.15 -6.89 0.07
N LEU A 169 -23.59 -7.12 1.30
CA LEU A 169 -24.38 -8.30 1.63
C LEU A 169 -25.82 -7.98 1.26
N MET A 170 -26.42 -8.83 0.44
CA MET A 170 -27.79 -8.59 0.01
C MET A 170 -28.74 -9.35 0.93
N PRO A 171 -30.03 -8.98 0.89
CA PRO A 171 -31.08 -9.59 1.71
C PRO A 171 -31.13 -11.11 1.59
N ASP A 172 -30.82 -11.62 0.41
CA ASP A 172 -30.85 -13.06 0.17
C ASP A 172 -29.57 -13.80 0.50
N GLY A 173 -28.61 -13.10 1.11
CA GLY A 173 -27.37 -13.76 1.48
C GLY A 173 -26.26 -13.75 0.45
N THR A 174 -26.53 -13.20 -0.72
CA THR A 174 -25.52 -13.11 -1.77
C THR A 174 -24.75 -11.80 -1.57
N PHE A 175 -23.60 -11.68 -2.23
CA PHE A 175 -22.77 -10.46 -2.14
C PHE A 175 -22.67 -9.81 -3.52
N GLU A 176 -22.56 -8.48 -3.54
CA GLU A 176 -22.38 -7.74 -4.78
C GLU A 176 -21.32 -6.69 -4.55
N TRP A 177 -20.42 -6.51 -5.51
CA TRP A 177 -19.41 -5.47 -5.40
C TRP A 177 -19.67 -4.52 -6.57
N HIS A 178 -20.04 -3.29 -6.25
CA HIS A 178 -20.30 -2.27 -7.28
C HIS A 178 -19.12 -1.29 -7.37
N ALA A 179 -18.57 -1.10 -8.57
CA ALA A 179 -17.46 -0.15 -8.74
C ALA A 179 -17.40 0.33 -10.19
N PRO A 180 -16.62 1.39 -10.47
CA PRO A 180 -16.51 1.91 -11.84
C PRO A 180 -15.59 1.11 -12.77
N PHE A 181 -14.70 0.31 -12.19
CA PHE A 181 -13.75 -0.49 -12.98
C PHE A 181 -14.43 -1.37 -14.02
N ASP A 182 -13.80 -1.50 -15.18
CA ASP A 182 -14.34 -2.37 -16.21
C ASP A 182 -14.34 -3.78 -15.61
N PRO A 183 -15.41 -4.54 -15.83
CA PRO A 183 -15.54 -5.90 -15.30
C PRO A 183 -14.43 -6.85 -15.70
N ASP A 184 -13.86 -6.65 -16.89
CA ASP A 184 -12.86 -7.58 -17.40
C ASP A 184 -11.39 -7.18 -17.47
N ILE A 185 -11.08 -5.93 -17.16
CA ILE A 185 -9.68 -5.49 -17.21
C ILE A 185 -9.01 -5.90 -15.90
N PRO A 186 -7.91 -6.65 -15.97
CA PRO A 186 -7.20 -7.08 -14.75
C PRO A 186 -6.63 -5.91 -13.96
N LEU A 187 -6.78 -5.96 -12.63
CA LEU A 187 -6.25 -4.93 -11.76
C LEU A 187 -5.16 -5.57 -10.90
N PRO A 188 -4.18 -4.78 -10.44
CA PRO A 188 -3.12 -5.37 -9.61
C PRO A 188 -3.56 -5.37 -8.15
N TRP A 189 -3.45 -6.53 -7.49
CA TRP A 189 -3.85 -6.64 -6.09
C TRP A 189 -2.67 -6.91 -5.18
N LEU A 190 -2.89 -6.75 -3.89
CA LEU A 190 -1.85 -6.93 -2.90
C LEU A 190 -2.41 -7.28 -1.53
N ASP A 191 -1.89 -8.34 -0.91
CA ASP A 191 -2.31 -8.66 0.44
C ASP A 191 -1.33 -7.82 1.26
N ALA A 192 -1.73 -6.60 1.60
CA ALA A 192 -0.86 -5.69 2.32
C ALA A 192 -0.30 -6.20 3.66
N GLU A 193 -1.16 -6.68 4.53
CA GLU A 193 -0.68 -7.15 5.83
C GLU A 193 0.35 -8.27 5.77
N HIS A 194 0.09 -9.26 4.92
CA HIS A 194 0.98 -10.40 4.86
C HIS A 194 2.18 -10.30 3.95
N ASP A 195 2.05 -9.55 2.85
CA ASP A 195 3.11 -9.51 1.86
C ASP A 195 3.99 -8.29 1.66
N VAL A 196 3.58 -7.14 2.18
CA VAL A 196 4.42 -5.95 2.02
C VAL A 196 5.74 -6.13 2.77
N GLY A 197 5.66 -6.48 4.05
CA GLY A 197 6.86 -6.66 4.85
C GLY A 197 7.93 -7.57 4.26
N PRO A 198 7.58 -8.83 3.95
CA PRO A 198 8.54 -9.77 3.39
C PRO A 198 9.17 -9.24 2.11
N ALA A 199 8.38 -8.61 1.25
CA ALA A 199 8.93 -8.09 0.01
C ALA A 199 9.95 -6.99 0.28
N LEU A 200 9.59 -6.08 1.18
CA LEU A 200 10.49 -4.98 1.53
C LEU A 200 11.77 -5.51 2.15
N LEU A 201 11.66 -6.50 3.02
CA LEU A 201 12.87 -7.03 3.63
C LEU A 201 13.80 -7.60 2.58
N GLN A 202 13.25 -8.23 1.55
CA GLN A 202 14.11 -8.82 0.53
C GLN A 202 14.82 -7.72 -0.26
N ILE A 203 14.14 -6.59 -0.49
CA ILE A 203 14.78 -5.49 -1.18
C ILE A 203 15.96 -5.01 -0.34
N PHE A 204 15.75 -4.86 0.98
CA PHE A 204 16.84 -4.44 1.86
C PHE A 204 17.97 -5.47 1.87
N LYS A 205 17.61 -6.76 1.84
CA LYS A 205 18.62 -7.82 1.84
C LYS A 205 19.45 -7.77 0.57
N ASP A 206 18.77 -7.57 -0.55
CA ASP A 206 19.45 -7.50 -1.85
C ASP A 206 20.44 -6.36 -1.88
N GLY A 207 20.07 -5.23 -1.28
CA GLY A 207 20.97 -4.10 -1.21
C GLY A 207 20.75 -2.99 -2.20
N PRO A 208 21.34 -1.81 -1.94
CA PRO A 208 21.22 -0.63 -2.79
C PRO A 208 21.82 -0.73 -4.19
N GLN A 209 22.90 -1.49 -4.36
CA GLN A 209 23.49 -1.58 -5.68
C GLN A 209 22.56 -2.21 -6.67
N LYS A 210 21.85 -3.25 -6.24
CA LYS A 210 20.93 -3.92 -7.12
C LYS A 210 19.66 -3.10 -7.37
N TRP A 211 19.16 -2.45 -6.32
CA TRP A 211 17.90 -1.71 -6.44
C TRP A 211 17.84 -0.18 -6.50
N ASN A 212 18.98 0.50 -6.44
CA ASN A 212 18.95 1.96 -6.47
C ASN A 212 18.31 2.45 -7.78
N GLY A 213 17.43 3.44 -7.67
CA GLY A 213 16.75 4.01 -8.83
C GLY A 213 15.61 3.20 -9.42
N HIS A 214 15.40 2.00 -8.90
CA HIS A 214 14.34 1.14 -9.41
C HIS A 214 12.95 1.39 -8.86
N ARG A 215 11.95 1.09 -9.70
CA ARG A 215 10.55 1.17 -9.31
C ARG A 215 10.11 -0.29 -9.29
N ILE A 216 9.45 -0.71 -8.22
CA ILE A 216 9.00 -2.08 -8.12
C ILE A 216 7.51 -2.07 -7.82
N ALA A 217 6.74 -2.81 -8.61
CA ALA A 217 5.31 -2.86 -8.36
C ALA A 217 5.05 -3.93 -7.31
N LEU A 218 4.49 -3.51 -6.16
CA LEU A 218 4.18 -4.44 -5.09
C LEU A 218 2.78 -4.99 -5.31
N THR A 219 2.71 -5.97 -6.19
CA THR A 219 1.46 -6.65 -6.52
C THR A 219 1.89 -8.06 -6.88
N PHE A 220 1.16 -9.05 -6.39
CA PHE A 220 1.51 -10.45 -6.61
C PHE A 220 0.48 -11.19 -7.44
N GLU A 221 -0.63 -10.52 -7.76
CA GLU A 221 -1.69 -11.14 -8.51
C GLU A 221 -2.48 -10.07 -9.26
N THR A 222 -2.90 -10.36 -10.49
CA THR A 222 -3.74 -9.41 -11.21
C THR A 222 -5.05 -10.16 -11.40
N LEU A 223 -6.15 -9.46 -11.20
CA LEU A 223 -7.47 -10.07 -11.32
C LEU A 223 -8.44 -9.01 -11.77
N SER A 224 -9.30 -9.36 -12.71
CA SER A 224 -10.31 -8.43 -13.15
C SER A 224 -11.37 -8.45 -12.04
N PRO A 225 -12.23 -7.43 -12.00
CA PRO A 225 -13.27 -7.41 -10.96
C PRO A 225 -14.10 -8.69 -10.97
N VAL A 226 -14.40 -9.20 -12.16
CA VAL A 226 -15.17 -10.42 -12.26
C VAL A 226 -14.41 -11.59 -11.64
N GLN A 227 -13.11 -11.62 -11.84
CA GLN A 227 -12.29 -12.68 -11.27
C GLN A 227 -12.19 -12.54 -9.76
N VAL A 228 -12.22 -11.30 -9.28
CA VAL A 228 -12.16 -11.05 -7.84
C VAL A 228 -13.43 -11.62 -7.21
N CYS A 229 -14.57 -11.32 -7.82
CA CYS A 229 -15.83 -11.81 -7.28
C CYS A 229 -15.88 -13.34 -7.34
N ALA A 230 -15.30 -13.93 -8.39
CA ALA A 230 -15.30 -15.38 -8.50
C ALA A 230 -14.43 -15.97 -7.38
N ALA A 231 -13.36 -15.27 -6.99
CA ALA A 231 -12.51 -15.79 -5.92
C ALA A 231 -13.30 -15.76 -4.61
N PHE A 232 -14.02 -14.65 -4.35
CA PHE A 232 -14.80 -14.57 -3.13
C PHE A 232 -15.88 -15.65 -3.13
N SER A 233 -16.49 -15.87 -4.30
CA SER A 233 -17.54 -16.88 -4.41
C SER A 233 -17.03 -18.27 -4.08
N ARG A 234 -15.87 -18.64 -4.62
CA ARG A 234 -15.30 -19.97 -4.34
C ARG A 234 -14.89 -20.06 -2.87
N ALA A 235 -14.35 -18.96 -2.34
CA ALA A 235 -13.90 -18.94 -0.96
C ALA A 235 -15.02 -19.08 0.04
N LEU A 236 -16.12 -18.37 -0.22
CA LEU A 236 -17.24 -18.35 0.72
C LEU A 236 -18.42 -19.25 0.39
N ASN A 237 -18.36 -19.91 -0.76
CA ASN A 237 -19.46 -20.78 -1.18
C ASN A 237 -20.76 -19.97 -1.18
N ARG A 238 -20.69 -18.78 -1.77
CA ARG A 238 -21.83 -17.90 -1.88
C ARG A 238 -21.75 -17.22 -3.24
N ARG A 239 -22.89 -16.73 -3.71
CA ARG A 239 -22.94 -16.02 -4.97
C ARG A 239 -22.36 -14.63 -4.74
N VAL A 240 -21.39 -14.24 -5.55
CA VAL A 240 -20.76 -12.92 -5.45
C VAL A 240 -20.67 -12.41 -6.88
N THR A 241 -21.29 -11.28 -7.14
CA THR A 241 -21.30 -10.75 -8.50
C THR A 241 -20.85 -9.30 -8.62
N TYR A 242 -20.13 -9.01 -9.69
CA TYR A 242 -19.65 -7.66 -9.92
C TYR A 242 -20.64 -6.82 -10.71
N VAL A 243 -20.78 -5.57 -10.33
CA VAL A 243 -21.69 -4.67 -11.04
C VAL A 243 -20.94 -3.39 -11.33
N GLN A 244 -20.73 -3.11 -12.60
CA GLN A 244 -20.04 -1.89 -13.00
C GLN A 244 -21.02 -0.73 -12.88
N VAL A 245 -20.61 0.31 -12.16
CA VAL A 245 -21.44 1.50 -11.99
C VAL A 245 -20.63 2.71 -12.43
N PRO A 246 -21.29 3.69 -13.07
CA PRO A 246 -20.66 4.92 -13.56
C PRO A 246 -20.03 5.75 -12.47
N LYS A 247 -20.74 5.90 -11.37
CA LYS A 247 -20.22 6.69 -10.26
C LYS A 247 -20.04 5.84 -9.00
N VAL A 248 -19.04 6.19 -8.21
CA VAL A 248 -18.81 5.44 -6.98
C VAL A 248 -19.99 5.70 -6.06
N GLU A 249 -20.52 4.63 -5.46
CA GLU A 249 -21.63 4.76 -4.54
C GLU A 249 -21.04 5.23 -3.21
N ILE A 250 -21.33 6.47 -2.84
CA ILE A 250 -20.80 7.02 -1.59
C ILE A 250 -21.96 7.01 -0.61
N LYS A 251 -21.98 6.00 0.25
CA LYS A 251 -23.07 5.79 1.20
C LYS A 251 -22.84 6.34 2.60
N VAL A 252 -21.64 6.84 2.86
CA VAL A 252 -21.31 7.40 4.17
C VAL A 252 -20.60 8.73 3.96
N ASN A 253 -20.52 9.53 5.01
CA ASN A 253 -19.81 10.79 4.90
C ASN A 253 -18.33 10.48 4.82
N ILE A 254 -17.63 11.31 4.05
CA ILE A 254 -16.18 11.15 3.88
C ILE A 254 -15.55 12.53 3.79
N PRO A 255 -14.25 12.62 4.08
CA PRO A 255 -13.54 13.91 4.00
C PRO A 255 -13.52 14.34 2.53
N VAL A 256 -13.51 15.64 2.28
CA VAL A 256 -13.52 16.15 0.90
C VAL A 256 -12.36 15.62 0.05
N GLY A 257 -11.19 15.49 0.65
CA GLY A 257 -10.04 14.99 -0.08
C GLY A 257 -10.30 13.60 -0.62
N TYR A 258 -11.02 12.77 0.15
CA TYR A 258 -11.30 11.41 -0.30
C TYR A 258 -12.35 11.48 -1.40
N ARG A 259 -13.31 12.39 -1.27
CA ARG A 259 -14.31 12.55 -2.31
C ARG A 259 -13.66 12.92 -3.65
N GLU A 260 -12.65 13.79 -3.61
CA GLU A 260 -11.96 14.20 -4.83
C GLU A 260 -11.16 13.03 -5.40
N GLN A 261 -10.67 12.19 -4.50
CA GLN A 261 -9.92 11.00 -4.91
C GLN A 261 -10.86 10.09 -5.70
N LEU A 262 -12.06 9.87 -5.16
CA LEU A 262 -13.02 8.99 -5.80
C LEU A 262 -13.53 9.53 -7.13
N GLU A 263 -13.68 10.85 -7.24
CA GLU A 263 -14.15 11.44 -8.48
C GLU A 263 -13.06 11.27 -9.54
N ALA A 264 -11.80 11.33 -9.13
CA ALA A 264 -10.71 11.15 -10.08
C ALA A 264 -10.69 9.69 -10.54
N ILE A 265 -10.96 8.78 -9.61
CA ILE A 265 -10.99 7.36 -9.93
C ILE A 265 -12.12 7.07 -10.94
N GLU A 266 -13.28 7.70 -10.77
CA GLU A 266 -14.38 7.52 -11.74
C GLU A 266 -13.93 7.94 -13.14
N VAL A 267 -13.20 9.05 -13.25
CA VAL A 267 -12.74 9.52 -14.55
C VAL A 267 -11.63 8.63 -15.11
N VAL A 268 -10.62 8.39 -14.31
CA VAL A 268 -9.49 7.58 -14.75
C VAL A 268 -9.84 6.14 -15.08
N PHE A 269 -10.59 5.47 -14.20
CA PHE A 269 -10.94 4.08 -14.45
C PHE A 269 -12.32 3.87 -15.04
N GLY A 270 -13.28 4.66 -14.60
CA GLY A 270 -14.63 4.52 -15.09
C GLY A 270 -14.76 4.94 -16.54
N GLU A 271 -14.42 6.19 -16.80
CA GLU A 271 -14.52 6.74 -18.14
C GLU A 271 -13.43 6.29 -19.12
N HIS A 272 -12.17 6.38 -18.69
CA HIS A 272 -11.06 6.04 -19.59
C HIS A 272 -10.46 4.65 -19.54
N LYS A 273 -10.82 3.85 -18.54
CA LYS A 273 -10.27 2.50 -18.42
C LYS A 273 -8.75 2.51 -18.53
N ALA A 274 -8.12 3.50 -17.90
CA ALA A 274 -6.67 3.63 -17.90
C ALA A 274 -6.05 2.59 -16.98
N PRO A 275 -4.77 2.26 -17.17
CA PRO A 275 -4.13 1.28 -16.31
C PRO A 275 -3.95 1.84 -14.89
N TYR A 276 -3.94 0.95 -13.91
CA TYR A 276 -3.74 1.36 -12.52
C TYR A 276 -2.30 1.85 -12.40
N PHE A 277 -1.38 1.13 -13.05
CA PHE A 277 0.04 1.48 -13.10
C PHE A 277 0.28 1.89 -14.56
N PRO A 278 0.14 3.19 -14.87
CA PRO A 278 0.30 3.76 -16.22
C PRO A 278 1.72 3.98 -16.74
N LEU A 279 2.71 3.74 -15.89
CA LEU A 279 4.09 3.91 -16.31
C LEU A 279 4.45 2.90 -17.38
N PRO A 280 5.22 3.32 -18.40
CA PRO A 280 5.62 2.42 -19.49
C PRO A 280 6.17 1.08 -18.99
N GLU A 281 7.06 1.13 -17.99
CA GLU A 281 7.67 -0.08 -17.45
C GLU A 281 6.71 -1.06 -16.77
N PHE A 282 5.51 -0.61 -16.40
CA PHE A 282 4.55 -1.49 -15.75
C PHE A 282 3.50 -1.99 -16.75
N PRO A 309 8.89 -13.54 -31.51
CA PRO A 309 10.00 -14.50 -31.72
C PRO A 309 10.05 -15.55 -30.61
N GLY A 310 10.64 -16.70 -30.92
CA GLY A 310 10.75 -17.75 -29.94
C GLY A 310 11.66 -17.36 -28.79
N GLY A 311 11.26 -17.69 -27.57
CA GLY A 311 12.06 -17.40 -26.40
C GLY A 311 11.86 -16.02 -25.80
N VAL A 312 11.33 -15.10 -26.59
CA VAL A 312 11.09 -13.74 -26.12
C VAL A 312 9.96 -13.77 -25.08
N ILE A 313 10.28 -13.29 -23.89
CA ILE A 313 9.33 -13.27 -22.78
C ILE A 313 9.26 -11.88 -22.15
N SER A 314 8.10 -11.25 -22.23
CA SER A 314 7.92 -9.92 -21.64
C SER A 314 7.61 -10.06 -20.15
N GLN A 315 8.13 -9.12 -19.36
CA GLN A 315 7.96 -9.13 -17.91
C GLN A 315 6.54 -8.72 -17.47
N ARG A 316 5.90 -9.56 -16.65
CA ARG A 316 4.57 -9.27 -16.13
C ARG A 316 4.75 -8.33 -14.93
N VAL A 317 3.73 -7.54 -14.63
CA VAL A 317 3.82 -6.58 -13.54
C VAL A 317 4.06 -7.24 -12.17
N THR A 318 3.72 -8.51 -12.05
CA THR A 318 3.88 -9.27 -10.81
C THR A 318 5.23 -10.00 -10.70
N ASP A 319 6.02 -9.99 -11.77
CA ASP A 319 7.30 -10.72 -11.76
C ASP A 319 8.29 -10.36 -10.65
N GLU A 320 8.65 -9.09 -10.52
CA GLU A 320 9.63 -8.74 -9.50
C GLU A 320 9.15 -9.02 -8.08
N ALA A 321 7.89 -8.68 -7.80
CA ALA A 321 7.34 -8.92 -6.47
C ALA A 321 7.40 -10.42 -6.13
N ARG A 322 6.98 -11.28 -7.06
CA ARG A 322 7.03 -12.72 -6.78
C ARG A 322 8.45 -13.24 -6.61
N LYS A 323 9.41 -12.62 -7.30
CA LYS A 323 10.80 -13.04 -7.15
C LYS A 323 11.30 -12.64 -5.76
N LEU A 324 10.84 -11.49 -5.28
CA LEU A 324 11.23 -11.03 -3.94
C LEU A 324 10.62 -11.87 -2.82
N TRP A 325 9.39 -12.30 -2.99
CA TRP A 325 8.70 -13.05 -1.93
C TRP A 325 7.76 -14.08 -2.54
N SER A 326 8.14 -15.35 -2.43
CA SER A 326 7.35 -16.44 -2.99
C SER A 326 6.21 -16.89 -2.09
N GLY A 327 6.18 -16.38 -0.87
CA GLY A 327 5.13 -16.80 0.06
C GLY A 327 3.90 -15.92 0.09
N TRP A 328 3.61 -15.25 -1.01
CA TRP A 328 2.47 -14.35 -1.06
C TRP A 328 1.13 -15.07 -1.03
N ARG A 329 0.11 -14.38 -0.55
CA ARG A 329 -1.24 -14.94 -0.44
C ARG A 329 -2.18 -14.30 -1.46
N ASP A 330 -2.98 -15.13 -2.13
CA ASP A 330 -3.89 -14.60 -3.14
C ASP A 330 -5.26 -14.16 -2.61
N MET A 331 -6.08 -13.63 -3.50
CA MET A 331 -7.39 -13.12 -3.12
C MET A 331 -8.30 -14.20 -2.53
N GLU A 332 -8.29 -15.39 -3.11
CA GLU A 332 -9.13 -16.45 -2.61
C GLU A 332 -8.75 -16.83 -1.17
N GLU A 333 -7.45 -16.85 -0.85
CA GLU A 333 -7.02 -17.18 0.51
C GLU A 333 -7.50 -16.09 1.45
N TYR A 334 -7.38 -14.84 1.01
CA TYR A 334 -7.84 -13.74 1.86
C TYR A 334 -9.33 -13.85 2.14
N ALA A 335 -10.12 -14.04 1.09
CA ALA A 335 -11.56 -14.13 1.21
C ALA A 335 -11.99 -15.27 2.12
N ARG A 336 -11.31 -16.39 2.01
CA ARG A 336 -11.69 -17.56 2.79
C ARG A 336 -11.17 -17.58 4.24
N GLU A 337 -9.95 -17.10 4.42
CA GLU A 337 -9.33 -17.18 5.74
C GLU A 337 -9.29 -15.93 6.61
N VAL A 338 -9.28 -14.77 5.98
CA VAL A 338 -9.17 -13.52 6.73
C VAL A 338 -10.41 -12.64 6.73
N PHE A 339 -11.00 -12.44 5.55
CA PHE A 339 -12.22 -11.63 5.40
C PHE A 339 -13.29 -11.96 6.45
N PRO A 340 -13.58 -13.26 6.68
CA PRO A 340 -14.62 -13.59 7.68
C PRO A 340 -14.29 -13.11 9.09
N ILE A 341 -13.00 -13.10 9.42
CA ILE A 341 -12.55 -12.70 10.75
C ILE A 341 -12.54 -11.17 10.86
N GLU A 342 -12.08 -10.48 9.82
CA GLU A 342 -12.10 -9.01 9.85
C GLU A 342 -13.54 -8.54 9.93
N GLU A 343 -14.42 -9.24 9.20
CA GLU A 343 -15.84 -8.89 9.19
C GLU A 343 -16.45 -9.11 10.56
N GLU A 344 -16.13 -10.25 11.19
CA GLU A 344 -16.68 -10.51 12.51
C GLU A 344 -16.15 -9.50 13.51
N ALA A 345 -14.88 -9.14 13.39
CA ALA A 345 -14.27 -8.16 14.29
C ALA A 345 -14.92 -6.80 14.13
N ASN A 346 -15.51 -6.54 12.96
CA ASN A 346 -16.20 -5.27 12.74
C ASN A 346 -17.66 -5.37 13.15
N GLY A 347 -18.04 -6.51 13.72
CA GLY A 347 -19.41 -6.69 14.18
C GLY A 347 -20.40 -7.33 13.23
N LEU A 348 -19.98 -7.68 12.01
CA LEU A 348 -20.90 -8.28 11.06
C LEU A 348 -21.20 -9.73 11.47
N ASP A 349 -22.34 -10.28 11.02
CA ASP A 349 -22.64 -11.65 11.39
C ASP A 349 -23.13 -12.60 10.30
N TRP A 350 -22.90 -12.25 9.03
CA TRP A 350 -23.34 -13.15 7.96
C TRP A 350 -22.62 -14.49 8.06
N MET A 351 -21.49 -14.50 8.75
CA MET A 351 -20.70 -15.72 8.89
C MET A 351 -21.06 -16.55 10.13
N LEU A 352 -22.00 -16.05 10.93
CA LEU A 352 -22.41 -16.77 12.14
C LEU A 352 -23.33 -17.95 11.80
#